data_4A6D
#
_entry.id   4A6D
#
_cell.length_a   170.400
_cell.length_b   170.400
_cell.length_c   123.320
_cell.angle_alpha   90.00
_cell.angle_beta   90.00
_cell.angle_gamma   120.00
#
_symmetry.space_group_name_H-M   'H 3 2'
#
loop_
_entity.id
_entity.type
_entity.pdbx_description
1 polymer 'HYDROXYINDOLE O-METHYLTRANSFERASE'
2 non-polymer 'ZINC ION'
3 non-polymer S-ADENOSYLMETHIONINE
4 non-polymer 'SULFATE ION'
5 non-polymer GLYCEROL
6 water water
#
_entity_poly.entity_id   1
_entity_poly.type   'polypeptide(L)'
_entity_poly.pdbx_seq_one_letter_code
;MGSSEDQAYRLLNDYANGFMVSQVLFAACELGVFDLLAEAPGPLDVAAVAAGVRASAHGTELLLDICVSLKLLKVETRGG
KAFYRNTELSSDYLTTVSPTSQCSMLKYMGRTSYRCWGHLADAVREGRNQYLETFGVPAEELFTAIYRSEGERLQFMQAL
QEVWSVNGRSVLTAFDLSVFPLMCDLGGGAGALAKECMSLYPGCKITVFDIPEVVWTAKQHFSFQEEEQIDFQEGDFFKD
PLPEADLYILARVLHDWADGKCSHLLERIYHTCKPGGGILVIESLLDEDRRGPLLTQLYSLNMLVQTEGQERTPTHYHML
LSSAGFRDFQFKKTGAIYDAILARKGTHHHHHH
;
_entity_poly.pdbx_strand_id   A
#
# COMPACT_ATOMS: atom_id res chain seq x y z
N MET A 1 18.27 -20.76 13.04
CA MET A 1 18.31 -22.21 13.42
C MET A 1 18.60 -22.39 14.89
N GLY A 2 19.55 -23.28 15.21
CA GLY A 2 19.99 -23.50 16.58
C GLY A 2 20.97 -22.41 16.95
N SER A 3 20.96 -21.97 18.23
CA SER A 3 21.83 -20.90 18.77
C SER A 3 23.35 -21.10 18.52
N SER A 4 23.81 -22.38 18.47
CA SER A 4 25.21 -22.75 18.26
C SER A 4 25.59 -23.11 16.79
N GLU A 5 24.62 -23.13 15.86
CA GLU A 5 24.87 -23.47 14.45
C GLU A 5 25.55 -22.32 13.68
N ASP A 6 26.13 -22.65 12.50
CA ASP A 6 26.81 -21.65 11.66
C ASP A 6 25.83 -20.62 11.14
N GLN A 7 26.24 -19.34 11.22
CA GLN A 7 25.48 -18.16 10.83
C GLN A 7 24.74 -18.26 9.49
N ALA A 8 25.32 -18.95 8.49
CA ALA A 8 24.73 -19.13 7.15
C ALA A 8 23.52 -20.05 7.22
N TYR A 9 23.58 -21.06 8.08
CA TYR A 9 22.51 -22.03 8.30
C TYR A 9 21.33 -21.36 9.03
N ARG A 10 21.64 -20.46 9.97
CA ARG A 10 20.66 -19.68 10.75
C ARG A 10 19.95 -18.71 9.81
N LEU A 11 20.70 -18.12 8.87
CA LEU A 11 20.17 -17.17 7.90
C LEU A 11 19.20 -17.87 6.91
N LEU A 12 19.60 -19.01 6.37
CA LEU A 12 18.80 -19.85 5.48
C LEU A 12 17.45 -20.25 6.14
N ASN A 13 17.48 -20.58 7.45
CA ASN A 13 16.29 -20.94 8.21
C ASN A 13 15.37 -19.75 8.44
N ASP A 14 15.95 -18.60 8.76
CA ASP A 14 15.22 -17.34 8.90
C ASP A 14 14.38 -17.09 7.65
N TYR A 15 15.01 -17.28 6.47
CA TYR A 15 14.39 -17.05 5.18
C TYR A 15 13.34 -18.10 4.93
N ALA A 16 13.66 -19.37 5.21
CA ALA A 16 12.71 -20.44 4.98
C ALA A 16 11.45 -20.31 5.85
N ASN A 17 11.62 -19.83 7.08
CA ASN A 17 10.54 -19.70 8.06
C ASN A 17 9.75 -18.44 7.99
N GLY A 18 10.18 -17.50 7.14
CA GLY A 18 9.58 -16.17 6.98
C GLY A 18 8.09 -16.18 6.72
N PHE A 19 7.64 -17.14 5.89
CA PHE A 19 6.22 -17.28 5.59
C PHE A 19 5.38 -17.56 6.85
N MET A 20 5.93 -18.31 7.84
CA MET A 20 5.27 -18.63 9.11
C MET A 20 5.09 -17.38 9.99
N VAL A 21 6.14 -16.53 10.04
CA VAL A 21 6.16 -15.29 10.79
C VAL A 21 5.14 -14.29 10.17
N SER A 22 5.03 -14.24 8.82
CA SER A 22 4.06 -13.39 8.12
C SER A 22 2.66 -13.81 8.49
N GLN A 23 2.35 -15.12 8.38
CA GLN A 23 1.05 -15.65 8.74
C GLN A 23 0.67 -15.49 10.21
N VAL A 24 1.64 -15.54 11.14
CA VAL A 24 1.38 -15.30 12.58
C VAL A 24 0.86 -13.87 12.74
N LEU A 25 1.54 -12.88 12.09
CA LEU A 25 1.17 -11.47 12.11
C LEU A 25 -0.21 -11.26 11.48
N PHE A 26 -0.45 -11.87 10.29
CA PHE A 26 -1.70 -11.79 9.53
C PHE A 26 -2.87 -12.38 10.32
N ALA A 27 -2.68 -13.57 10.93
CA ALA A 27 -3.69 -14.28 11.72
C ALA A 27 -3.98 -13.55 13.02
N ALA A 28 -2.96 -12.97 13.65
CA ALA A 28 -3.14 -12.18 14.87
C ALA A 28 -4.01 -10.96 14.53
N CYS A 29 -3.83 -10.36 13.32
CA CYS A 29 -4.61 -9.22 12.80
C CYS A 29 -6.04 -9.67 12.48
N GLU A 30 -6.19 -10.78 11.71
CA GLU A 30 -7.49 -11.36 11.36
C GLU A 30 -8.31 -11.74 12.62
N LEU A 31 -7.66 -12.25 13.68
CA LEU A 31 -8.35 -12.65 14.91
C LEU A 31 -8.71 -11.49 15.86
N GLY A 32 -8.11 -10.33 15.62
CA GLY A 32 -8.32 -9.11 16.39
C GLY A 32 -7.68 -9.08 17.77
N VAL A 33 -6.59 -9.87 17.97
CA VAL A 33 -5.83 -9.99 19.22
C VAL A 33 -5.46 -8.61 19.81
N PHE A 34 -4.85 -7.76 18.97
CA PHE A 34 -4.40 -6.41 19.34
C PHE A 34 -5.53 -5.46 19.74
N ASP A 35 -6.69 -5.53 19.04
CA ASP A 35 -7.88 -4.73 19.36
C ASP A 35 -8.45 -5.12 20.73
N LEU A 36 -8.62 -6.43 20.98
CA LEU A 36 -9.12 -6.99 22.24
C LEU A 36 -8.24 -6.58 23.42
N LEU A 37 -6.89 -6.58 23.21
CA LEU A 37 -5.90 -6.19 24.21
C LEU A 37 -5.93 -4.69 24.50
N ALA A 38 -6.26 -3.87 23.48
CA ALA A 38 -6.36 -2.40 23.60
C ALA A 38 -7.70 -1.97 24.22
N GLU A 39 -8.74 -2.82 24.09
CA GLU A 39 -10.09 -2.58 24.61
C GLU A 39 -10.26 -3.09 26.04
N ALA A 40 -9.36 -3.99 26.48
CA ALA A 40 -9.36 -4.61 27.81
C ALA A 40 -9.03 -3.58 28.92
N PRO A 41 -9.46 -3.78 30.19
CA PRO A 41 -9.10 -2.81 31.24
C PRO A 41 -7.61 -2.88 31.65
N GLY A 42 -6.96 -3.98 31.30
CA GLY A 42 -5.54 -4.23 31.55
C GLY A 42 -5.02 -5.38 30.73
N PRO A 43 -3.93 -6.06 31.18
CA PRO A 43 -3.41 -7.21 30.42
C PRO A 43 -4.30 -8.45 30.56
N LEU A 44 -4.31 -9.33 29.54
CA LEU A 44 -5.15 -10.54 29.51
C LEU A 44 -4.36 -11.86 29.45
N ASP A 45 -4.91 -12.93 30.09
CA ASP A 45 -4.32 -14.27 30.02
C ASP A 45 -4.81 -15.01 28.75
N VAL A 46 -4.24 -16.20 28.45
CA VAL A 46 -4.57 -17.06 27.29
C VAL A 46 -6.09 -17.33 27.18
N ALA A 47 -6.71 -17.79 28.28
CA ALA A 47 -8.14 -18.11 28.35
C ALA A 47 -9.04 -16.91 28.07
N ALA A 48 -8.60 -15.68 28.44
CA ALA A 48 -9.36 -14.45 28.19
C ALA A 48 -9.22 -14.00 26.74
N VAL A 49 -8.04 -14.26 26.12
CA VAL A 49 -7.78 -13.92 24.70
C VAL A 49 -8.55 -14.92 23.85
N ALA A 50 -8.33 -16.25 24.07
CA ALA A 50 -8.99 -17.36 23.37
C ALA A 50 -10.51 -17.21 23.31
N ALA A 51 -11.13 -16.75 24.44
CA ALA A 51 -12.56 -16.52 24.55
C ALA A 51 -12.98 -15.27 23.74
N GLY A 52 -12.19 -14.20 23.79
CA GLY A 52 -12.44 -12.94 23.10
C GLY A 52 -12.28 -12.96 21.59
N VAL A 53 -11.39 -13.81 21.07
CA VAL A 53 -11.13 -13.99 19.63
C VAL A 53 -11.89 -15.20 19.06
N ARG A 54 -12.52 -15.99 19.96
CA ARG A 54 -13.29 -17.21 19.66
C ARG A 54 -12.41 -18.24 18.94
N ALA A 55 -11.36 -18.67 19.65
CA ALA A 55 -10.35 -19.60 19.17
C ALA A 55 -9.93 -20.59 20.25
N SER A 56 -9.16 -21.62 19.85
CA SER A 56 -8.70 -22.67 20.73
C SER A 56 -7.59 -22.20 21.66
N ALA A 57 -7.54 -22.79 22.86
CA ALA A 57 -6.57 -22.55 23.92
C ALA A 57 -5.16 -22.79 23.42
N HIS A 58 -4.88 -24.00 22.88
CA HIS A 58 -3.58 -24.35 22.34
C HIS A 58 -3.12 -23.39 21.25
N GLY A 59 -4.01 -23.13 20.29
CA GLY A 59 -3.77 -22.22 19.17
C GLY A 59 -3.47 -20.80 19.58
N THR A 60 -4.28 -20.25 20.52
CA THR A 60 -4.13 -18.89 21.03
C THR A 60 -2.78 -18.73 21.74
N GLU A 61 -2.41 -19.67 22.64
CA GLU A 61 -1.15 -19.63 23.37
C GLU A 61 0.03 -19.65 22.43
N LEU A 62 0.00 -20.53 21.43
CA LEU A 62 1.06 -20.60 20.43
C LEU A 62 1.20 -19.27 19.76
N LEU A 63 0.08 -18.70 19.31
CA LEU A 63 0.00 -17.41 18.63
C LEU A 63 0.54 -16.26 19.50
N LEU A 64 0.07 -16.15 20.76
CA LEU A 64 0.49 -15.10 21.69
C LEU A 64 1.98 -15.23 22.02
N ASP A 65 2.43 -16.47 22.32
CA ASP A 65 3.84 -16.73 22.64
C ASP A 65 4.77 -16.40 21.50
N ILE A 66 4.38 -16.72 20.25
CA ILE A 66 5.19 -16.35 19.09
C ILE A 66 5.23 -14.81 18.98
N CYS A 67 4.09 -14.12 19.21
CA CYS A 67 3.98 -12.64 19.16
C CYS A 67 4.92 -11.98 20.17
N VAL A 68 5.07 -12.58 21.38
CA VAL A 68 5.98 -12.11 22.42
C VAL A 68 7.44 -12.22 21.94
N SER A 69 7.85 -13.40 21.41
CA SER A 69 9.18 -13.65 20.84
C SER A 69 9.50 -12.70 19.67
N LEU A 70 8.47 -12.36 18.86
CA LEU A 70 8.60 -11.44 17.72
C LEU A 70 8.61 -9.98 18.15
N LYS A 71 8.37 -9.68 19.43
CA LYS A 71 8.31 -8.30 19.98
C LYS A 71 7.07 -7.53 19.53
N LEU A 72 6.00 -8.27 19.17
CA LEU A 72 4.75 -7.64 18.81
C LEU A 72 3.95 -7.50 20.11
N LEU A 73 4.20 -8.40 21.09
CA LEU A 73 3.57 -8.34 22.42
C LEU A 73 4.57 -8.47 23.57
N LYS A 74 4.17 -8.00 24.76
CA LYS A 74 4.95 -8.09 25.99
C LYS A 74 4.21 -9.05 26.93
N VAL A 75 4.95 -9.84 27.71
CA VAL A 75 4.34 -10.75 28.67
C VAL A 75 4.81 -10.38 30.07
N GLU A 76 4.01 -10.72 31.08
CA GLU A 76 4.31 -10.51 32.50
C GLU A 76 3.71 -11.66 33.27
N THR A 77 4.25 -11.92 34.45
CA THR A 77 3.76 -13.03 35.26
C THR A 77 3.04 -12.49 36.51
N ARG A 78 1.85 -13.07 36.79
CA ARG A 78 1.03 -12.79 37.98
C ARG A 78 0.48 -14.13 38.44
N GLY A 79 0.91 -14.56 39.63
CA GLY A 79 0.51 -15.84 40.21
C GLY A 79 0.94 -16.97 39.28
N GLY A 80 0.04 -17.92 39.06
CA GLY A 80 0.27 -19.04 38.14
C GLY A 80 -0.24 -18.81 36.73
N LYS A 81 0.00 -17.58 36.18
CA LYS A 81 -0.47 -17.19 34.86
C LYS A 81 0.31 -16.06 34.17
N ALA A 82 0.50 -16.21 32.84
CA ALA A 82 1.09 -15.22 31.95
C ALA A 82 -0.01 -14.27 31.56
N PHE A 83 0.33 -12.97 31.50
CA PHE A 83 -0.56 -11.87 31.10
C PHE A 83 0.08 -11.07 29.98
N TYR A 84 -0.63 -10.96 28.87
CA TYR A 84 -0.16 -10.31 27.65
C TYR A 84 -0.66 -8.91 27.54
N ARG A 85 0.17 -8.02 26.97
CA ARG A 85 -0.16 -6.63 26.75
C ARG A 85 0.45 -6.17 25.42
N ASN A 86 -0.08 -5.09 24.83
CA ASN A 86 0.43 -4.54 23.58
C ASN A 86 1.77 -3.82 23.80
N THR A 87 2.54 -3.70 22.72
CA THR A 87 3.81 -2.97 22.64
C THR A 87 3.50 -1.59 22.04
N GLU A 88 4.55 -0.77 21.80
CA GLU A 88 4.38 0.53 21.15
C GLU A 88 4.02 0.26 19.71
N LEU A 89 4.69 -0.76 19.11
CA LEU A 89 4.50 -1.25 17.74
C LEU A 89 3.04 -1.62 17.45
N SER A 90 2.47 -2.54 18.24
CA SER A 90 1.12 -3.06 18.06
C SER A 90 0.05 -2.03 18.35
N SER A 91 0.27 -1.17 19.34
CA SER A 91 -0.67 -0.11 19.69
C SER A 91 -0.77 0.88 18.51
N ASP A 92 0.39 1.31 17.99
CA ASP A 92 0.49 2.27 16.89
C ASP A 92 0.14 1.70 15.52
N TYR A 93 0.52 0.44 15.22
CA TYR A 93 0.30 -0.07 13.86
C TYR A 93 -0.67 -1.21 13.70
N LEU A 94 -1.12 -1.80 14.82
CA LEU A 94 -1.95 -3.00 14.78
C LEU A 94 -3.31 -2.90 15.48
N THR A 95 -3.67 -1.71 16.02
CA THR A 95 -5.00 -1.48 16.61
C THR A 95 -5.82 -0.64 15.63
N THR A 96 -7.11 -0.99 15.47
CA THR A 96 -8.06 -0.35 14.55
C THR A 96 -8.22 1.17 14.83
N VAL A 97 -8.23 1.57 16.11
CA VAL A 97 -8.37 2.98 16.52
C VAL A 97 -7.17 3.85 16.16
N SER A 98 -5.94 3.29 16.13
CA SER A 98 -4.74 4.06 15.82
C SER A 98 -4.82 4.73 14.44
N PRO A 99 -4.41 6.01 14.31
CA PRO A 99 -4.43 6.65 12.99
C PRO A 99 -3.44 5.98 12.03
N THR A 100 -2.29 5.50 12.57
CA THR A 100 -1.23 4.83 11.80
C THR A 100 -1.39 3.34 11.62
N SER A 101 -2.61 2.81 11.88
CA SER A 101 -3.01 1.40 11.76
C SER A 101 -2.63 0.79 10.41
N GLN A 102 -2.03 -0.41 10.42
CA GLN A 102 -1.62 -1.09 9.19
C GLN A 102 -2.37 -2.40 8.97
N CYS A 103 -3.38 -2.63 9.83
CA CYS A 103 -4.31 -3.78 9.91
C CYS A 103 -4.83 -4.31 8.60
N SER A 104 -5.60 -3.47 7.89
CA SER A 104 -6.28 -3.80 6.64
C SER A 104 -5.35 -4.22 5.51
N MET A 105 -4.14 -3.65 5.46
CA MET A 105 -3.12 -4.00 4.48
CA MET A 105 -3.08 -3.97 4.50
C MET A 105 -2.57 -5.39 4.81
N LEU A 106 -2.29 -5.65 6.11
CA LEU A 106 -1.78 -6.92 6.60
C LEU A 106 -2.76 -8.06 6.31
N LYS A 107 -4.05 -7.85 6.61
CA LYS A 107 -5.14 -8.77 6.30
C LYS A 107 -5.21 -8.97 4.77
N TYR A 108 -5.04 -7.91 3.97
CA TYR A 108 -5.07 -8.03 2.49
C TYR A 108 -3.88 -8.85 1.97
N MET A 109 -2.64 -8.56 2.47
CA MET A 109 -1.42 -9.31 2.11
C MET A 109 -1.62 -10.82 2.43
N GLY A 110 -2.23 -11.07 3.59
CA GLY A 110 -2.52 -12.42 4.05
C GLY A 110 -3.52 -13.17 3.21
N ARG A 111 -4.60 -12.52 2.81
CA ARG A 111 -5.70 -13.09 2.03
C ARG A 111 -5.46 -13.16 0.52
N THR A 112 -4.76 -12.18 -0.08
CA THR A 112 -4.57 -12.19 -1.53
C THR A 112 -3.13 -12.42 -1.98
N SER A 113 -2.21 -11.51 -1.66
CA SER A 113 -0.80 -11.57 -2.06
C SER A 113 -0.14 -12.89 -1.70
N TYR A 114 -0.37 -13.37 -0.46
CA TYR A 114 0.19 -14.63 0.06
C TYR A 114 -0.18 -15.79 -0.84
N ARG A 115 -1.48 -15.87 -1.20
CA ARG A 115 -2.02 -16.90 -2.10
C ARG A 115 -1.28 -16.82 -3.45
N CYS A 116 -1.30 -15.64 -4.12
CA CYS A 116 -0.61 -15.36 -5.38
C CYS A 116 0.86 -15.80 -5.37
N TRP A 117 1.57 -15.46 -4.29
CA TRP A 117 2.99 -15.77 -4.11
C TRP A 117 3.36 -17.27 -4.09
N GLY A 118 2.37 -18.14 -3.86
CA GLY A 118 2.59 -19.58 -3.95
C GLY A 118 2.88 -19.99 -5.38
N HIS A 119 2.37 -19.19 -6.33
CA HIS A 119 2.58 -19.37 -7.77
C HIS A 119 3.75 -18.52 -8.30
N LEU A 120 4.73 -18.16 -7.43
CA LEU A 120 5.90 -17.34 -7.79
C LEU A 120 6.74 -17.93 -8.91
N ALA A 121 7.06 -19.23 -8.82
CA ALA A 121 7.88 -19.94 -9.78
C ALA A 121 7.31 -19.86 -11.20
N ASP A 122 5.96 -19.91 -11.34
CA ASP A 122 5.31 -19.80 -12.64
C ASP A 122 5.25 -18.37 -13.13
N ALA A 123 5.06 -17.39 -12.21
CA ALA A 123 5.04 -15.96 -12.57
C ALA A 123 6.43 -15.56 -13.07
N VAL A 124 7.48 -16.12 -12.48
CA VAL A 124 8.87 -15.95 -12.91
C VAL A 124 9.03 -16.70 -14.26
N ARG A 125 8.65 -18.01 -14.32
CA ARG A 125 8.69 -18.85 -15.52
C ARG A 125 8.03 -18.22 -16.74
N GLU A 126 6.81 -17.68 -16.59
CA GLU A 126 6.01 -17.13 -17.68
C GLU A 126 6.14 -15.65 -17.90
N GLY A 127 6.58 -14.92 -16.88
CA GLY A 127 6.70 -13.47 -16.94
C GLY A 127 5.36 -12.76 -16.90
N ARG A 128 4.36 -13.39 -16.24
CA ARG A 128 3.01 -12.81 -16.14
C ARG A 128 2.33 -13.07 -14.77
N ASN A 129 1.29 -12.27 -14.45
CA ASN A 129 0.49 -12.42 -13.23
C ASN A 129 -0.35 -13.72 -13.18
N GLN A 130 -0.77 -14.13 -11.96
CA GLN A 130 -1.45 -15.41 -11.74
C GLN A 130 -2.86 -15.34 -11.13
N TYR A 131 -3.65 -14.31 -11.41
CA TYR A 131 -5.01 -14.24 -10.86
C TYR A 131 -5.90 -15.41 -11.33
N LEU A 132 -5.75 -15.82 -12.61
CA LEU A 132 -6.50 -16.94 -13.14
C LEU A 132 -6.06 -18.27 -12.50
N GLU A 133 -4.75 -18.45 -12.28
CA GLU A 133 -4.20 -19.69 -11.71
C GLU A 133 -4.43 -19.80 -10.20
N THR A 134 -4.64 -18.67 -9.51
CA THR A 134 -4.84 -18.60 -8.06
C THR A 134 -6.30 -18.51 -7.66
N PHE A 135 -7.06 -17.59 -8.30
CA PHE A 135 -8.45 -17.33 -7.92
C PHE A 135 -9.51 -17.81 -8.91
N GLY A 136 -9.08 -18.26 -10.09
CA GLY A 136 -9.98 -18.68 -11.16
C GLY A 136 -10.59 -17.51 -11.92
N VAL A 137 -10.32 -16.30 -11.42
CA VAL A 137 -10.84 -15.03 -11.94
C VAL A 137 -10.01 -14.47 -13.12
N PRO A 138 -10.65 -14.24 -14.30
CA PRO A 138 -9.92 -13.66 -15.45
C PRO A 138 -9.38 -12.25 -15.16
N ALA A 139 -8.10 -12.03 -15.50
CA ALA A 139 -7.39 -10.76 -15.27
C ALA A 139 -7.08 -9.94 -16.54
N GLU A 140 -7.82 -10.18 -17.66
CA GLU A 140 -7.63 -9.46 -18.94
C GLU A 140 -7.76 -7.91 -18.82
N GLU A 141 -8.54 -7.47 -17.83
CA GLU A 141 -8.77 -6.11 -17.35
C GLU A 141 -8.32 -6.23 -15.88
N LEU A 142 -7.13 -5.69 -15.53
CA LEU A 142 -6.49 -5.81 -14.21
C LEU A 142 -7.36 -5.61 -12.96
N PHE A 143 -8.08 -4.48 -12.89
CA PHE A 143 -8.92 -4.12 -11.75
C PHE A 143 -10.24 -4.91 -11.55
N THR A 144 -10.79 -5.58 -12.60
CA THR A 144 -11.97 -6.43 -12.39
C THR A 144 -11.55 -7.72 -11.64
N ALA A 145 -10.27 -8.12 -11.82
CA ALA A 145 -9.66 -9.26 -11.12
C ALA A 145 -9.34 -8.86 -9.66
N ILE A 146 -8.81 -7.62 -9.47
CA ILE A 146 -8.47 -7.01 -8.16
C ILE A 146 -9.76 -6.74 -7.33
N TYR A 147 -10.85 -6.20 -7.98
CA TYR A 147 -12.14 -5.95 -7.33
C TYR A 147 -13.17 -7.03 -7.75
N ARG A 148 -12.82 -8.31 -7.50
CA ARG A 148 -13.63 -9.48 -7.84
C ARG A 148 -14.99 -9.56 -7.09
N SER A 149 -15.18 -8.72 -6.03
CA SER A 149 -16.41 -8.56 -5.23
C SER A 149 -16.45 -7.20 -4.49
N GLU A 150 -17.66 -6.77 -4.02
CA GLU A 150 -17.87 -5.52 -3.29
C GLU A 150 -17.05 -5.44 -1.99
N GLY A 151 -17.13 -6.49 -1.16
CA GLY A 151 -16.40 -6.62 0.09
C GLY A 151 -14.89 -6.68 -0.11
N GLU A 152 -14.48 -7.20 -1.29
CA GLU A 152 -13.07 -7.32 -1.69
C GLU A 152 -12.55 -5.96 -2.20
N ARG A 153 -13.44 -5.13 -2.77
CA ARG A 153 -13.09 -3.77 -3.22
C ARG A 153 -12.95 -2.85 -2.00
N LEU A 154 -13.87 -2.97 -1.00
CA LEU A 154 -13.80 -2.22 0.26
C LEU A 154 -12.49 -2.56 1.00
N GLN A 155 -12.13 -3.87 1.08
CA GLN A 155 -10.89 -4.31 1.71
C GLN A 155 -9.65 -3.75 1.01
N PHE A 156 -9.59 -3.83 -0.34
CA PHE A 156 -8.47 -3.28 -1.12
C PHE A 156 -8.29 -1.78 -0.80
N MET A 157 -9.41 -1.02 -0.86
CA MET A 157 -9.50 0.42 -0.60
C MET A 157 -9.08 0.80 0.81
N GLN A 158 -9.49 -0.02 1.82
CA GLN A 158 -9.15 0.22 3.22
C GLN A 158 -7.67 -0.06 3.40
N ALA A 159 -7.15 -1.09 2.71
CA ALA A 159 -5.76 -1.54 2.79
C ALA A 159 -4.81 -0.48 2.28
N LEU A 160 -5.08 0.02 1.08
CA LEU A 160 -4.25 1.04 0.44
C LEU A 160 -4.15 2.41 1.12
N GLN A 161 -5.21 2.85 1.81
CA GLN A 161 -5.22 4.16 2.49
C GLN A 161 -4.24 4.25 3.67
N GLU A 162 -3.97 3.09 4.27
CA GLU A 162 -3.15 2.91 5.46
C GLU A 162 -1.71 3.43 5.40
N VAL A 163 -1.02 3.24 4.25
CA VAL A 163 0.38 3.72 4.14
C VAL A 163 0.49 5.26 4.27
N TRP A 164 -0.53 5.99 3.75
CA TRP A 164 -0.52 7.44 3.79
C TRP A 164 -0.59 8.07 5.19
N SER A 165 -1.06 7.32 6.18
CA SER A 165 -1.10 7.76 7.57
C SER A 165 0.34 7.89 8.14
N VAL A 166 1.30 7.16 7.55
CA VAL A 166 2.72 7.19 7.92
C VAL A 166 3.61 7.87 6.87
N ASN A 167 3.39 7.59 5.58
CA ASN A 167 4.20 8.09 4.46
C ASN A 167 3.66 9.36 3.75
N GLY A 168 2.40 9.71 4.00
CA GLY A 168 1.72 10.84 3.37
C GLY A 168 2.44 12.17 3.41
N ARG A 169 2.84 12.62 4.61
CA ARG A 169 3.51 13.92 4.79
C ARG A 169 4.82 14.07 4.02
N SER A 170 5.65 13.01 3.99
CA SER A 170 6.95 12.96 3.32
C SER A 170 6.80 13.29 1.82
N VAL A 171 5.96 12.53 1.12
CA VAL A 171 5.72 12.64 -0.32
C VAL A 171 5.08 13.94 -0.75
N LEU A 172 4.08 14.42 0.01
CA LEU A 172 3.39 15.65 -0.34
C LEU A 172 4.18 16.92 -0.04
N THR A 173 5.16 16.84 0.90
CA THR A 173 6.03 17.98 1.26
C THR A 173 7.46 17.94 0.69
N ALA A 174 7.80 16.89 -0.08
CA ALA A 174 9.09 16.74 -0.80
C ALA A 174 9.31 17.98 -1.72
N PHE A 175 8.23 18.46 -2.37
CA PHE A 175 8.17 19.65 -3.22
C PHE A 175 7.05 20.55 -2.69
N ASP A 176 7.20 21.87 -2.88
CA ASP A 176 6.22 22.86 -2.46
C ASP A 176 5.11 22.93 -3.53
N LEU A 177 3.99 22.29 -3.19
CA LEU A 177 2.82 22.16 -4.05
C LEU A 177 1.82 23.29 -3.90
N SER A 178 2.11 24.28 -3.03
CA SER A 178 1.23 25.45 -2.83
C SER A 178 1.10 26.25 -4.13
N VAL A 179 2.06 26.03 -5.04
CA VAL A 179 2.22 26.59 -6.38
C VAL A 179 1.12 26.12 -7.36
N PHE A 180 0.42 25.00 -7.01
CA PHE A 180 -0.64 24.36 -7.79
C PHE A 180 -1.94 24.47 -7.03
N PRO A 181 -2.68 25.57 -7.17
CA PRO A 181 -3.94 25.72 -6.41
C PRO A 181 -4.99 24.62 -6.63
N LEU A 182 -5.11 24.13 -7.85
CA LEU A 182 -6.09 23.11 -8.17
C LEU A 182 -5.38 21.79 -8.49
N MET A 183 -5.79 20.70 -7.79
CA MET A 183 -5.13 19.39 -7.94
C MET A 183 -6.07 18.27 -8.32
N CYS A 184 -5.52 17.20 -8.89
CA CYS A 184 -6.30 16.01 -9.23
C CYS A 184 -5.53 14.75 -8.89
N ASP A 185 -6.09 13.91 -8.01
CA ASP A 185 -5.48 12.62 -7.63
C ASP A 185 -6.06 11.56 -8.55
N LEU A 186 -5.29 11.18 -9.60
CA LEU A 186 -5.72 10.21 -10.60
C LEU A 186 -5.55 8.84 -10.05
N GLY A 187 -6.65 8.16 -9.82
CA GLY A 187 -6.63 6.83 -9.21
C GLY A 187 -6.49 7.03 -7.72
N GLY A 188 -7.11 8.09 -7.21
CA GLY A 188 -7.03 8.50 -5.81
C GLY A 188 -7.67 7.60 -4.78
N GLY A 189 -8.43 6.60 -5.23
CA GLY A 189 -9.10 5.62 -4.37
C GLY A 189 -10.08 6.24 -3.39
N ALA A 190 -9.91 5.90 -2.09
CA ALA A 190 -10.75 6.39 -0.98
C ALA A 190 -10.55 7.89 -0.67
N GLY A 191 -9.46 8.46 -1.18
CA GLY A 191 -9.10 9.86 -1.00
C GLY A 191 -8.26 10.20 0.22
N ALA A 192 -7.56 9.20 0.80
CA ALA A 192 -6.72 9.35 1.99
C ALA A 192 -5.59 10.37 1.74
N LEU A 193 -4.85 10.20 0.63
CA LEU A 193 -3.77 11.09 0.25
C LEU A 193 -4.29 12.51 0.01
N ALA A 194 -5.47 12.64 -0.64
CA ALA A 194 -6.11 13.94 -0.89
C ALA A 194 -6.50 14.61 0.41
N LYS A 195 -7.02 13.87 1.41
CA LYS A 195 -7.38 14.39 2.72
C LYS A 195 -6.15 15.00 3.39
N GLU A 196 -5.00 14.32 3.28
CA GLU A 196 -3.71 14.75 3.82
C GLU A 196 -3.21 15.97 3.08
N CYS A 197 -3.30 15.94 1.75
CA CYS A 197 -2.88 17.03 0.87
C CYS A 197 -3.56 18.36 1.22
N MET A 198 -4.88 18.32 1.45
CA MET A 198 -5.69 19.47 1.82
C MET A 198 -5.42 20.07 3.20
N SER A 199 -5.02 19.26 4.18
CA SER A 199 -4.67 19.79 5.50
C SER A 199 -3.29 20.45 5.42
N LEU A 200 -2.39 19.85 4.60
CA LEU A 200 -1.04 20.34 4.35
C LEU A 200 -1.07 21.64 3.54
N TYR A 201 -1.96 21.73 2.53
CA TYR A 201 -2.10 22.91 1.66
C TYR A 201 -3.49 23.55 1.79
N PRO A 202 -3.68 24.44 2.81
CA PRO A 202 -4.99 25.06 3.02
C PRO A 202 -5.57 25.88 1.87
N GLY A 203 -4.70 26.43 1.02
CA GLY A 203 -5.14 27.24 -0.11
C GLY A 203 -5.73 26.42 -1.24
N CYS A 204 -5.13 25.25 -1.48
CA CYS A 204 -5.45 24.27 -2.53
C CYS A 204 -6.83 23.59 -2.43
N LYS A 205 -7.28 23.04 -3.57
CA LYS A 205 -8.50 22.25 -3.76
C LYS A 205 -8.11 21.03 -4.60
N ILE A 206 -8.78 19.89 -4.37
CA ILE A 206 -8.48 18.61 -5.06
C ILE A 206 -9.71 17.80 -5.53
N THR A 207 -9.60 17.17 -6.73
CA THR A 207 -10.59 16.21 -7.19
C THR A 207 -9.97 14.79 -7.15
N VAL A 208 -10.67 13.84 -6.52
CA VAL A 208 -10.23 12.45 -6.51
C VAL A 208 -10.86 11.78 -7.75
N PHE A 209 -10.03 11.30 -8.68
CA PHE A 209 -10.49 10.63 -9.89
C PHE A 209 -10.28 9.12 -9.79
N ASP A 210 -11.33 8.35 -10.04
CA ASP A 210 -11.27 6.89 -10.00
C ASP A 210 -12.44 6.28 -10.75
N ILE A 211 -12.45 4.93 -10.87
CA ILE A 211 -13.49 4.20 -11.56
C ILE A 211 -14.80 4.31 -10.77
N PRO A 212 -15.98 4.38 -11.47
CA PRO A 212 -17.28 4.52 -10.80
C PRO A 212 -17.54 3.70 -9.55
N GLU A 213 -17.09 2.43 -9.52
CA GLU A 213 -17.25 1.50 -8.42
C GLU A 213 -16.47 1.93 -7.16
N VAL A 214 -15.26 2.53 -7.37
CA VAL A 214 -14.41 3.00 -6.27
C VAL A 214 -15.00 4.29 -5.68
N VAL A 215 -15.40 5.23 -6.54
CA VAL A 215 -15.98 6.50 -6.14
C VAL A 215 -17.25 6.29 -5.26
N TRP A 216 -18.13 5.34 -5.66
CA TRP A 216 -19.36 5.00 -4.96
C TRP A 216 -19.05 4.44 -3.59
N THR A 217 -18.12 3.46 -3.53
CA THR A 217 -17.64 2.83 -2.29
C THR A 217 -16.99 3.87 -1.35
N ALA A 218 -16.17 4.79 -1.91
CA ALA A 218 -15.50 5.86 -1.17
C ALA A 218 -16.51 6.76 -0.46
N LYS A 219 -17.58 7.17 -1.16
CA LYS A 219 -18.64 8.03 -0.61
C LYS A 219 -19.52 7.30 0.40
N GLN A 220 -19.73 5.99 0.19
CA GLN A 220 -20.56 5.14 1.07
C GLN A 220 -19.88 4.70 2.36
N HIS A 221 -18.55 4.58 2.37
CA HIS A 221 -17.81 4.09 3.55
C HIS A 221 -16.83 5.07 4.23
N PHE A 222 -16.60 6.26 3.63
CA PHE A 222 -15.70 7.29 4.16
C PHE A 222 -16.39 8.66 4.12
N SER A 223 -16.46 9.39 5.27
CA SER A 223 -17.14 10.69 5.31
C SER A 223 -16.23 11.90 5.11
N PHE A 224 -16.78 12.96 4.47
CA PHE A 224 -16.08 14.19 4.13
C PHE A 224 -16.88 15.43 4.55
N GLU A 227 -13.31 17.60 2.69
CA GLU A 227 -14.48 18.00 3.48
C GLU A 227 -15.23 19.15 2.81
N GLU A 228 -14.48 20.16 2.31
CA GLU A 228 -14.98 21.34 1.58
C GLU A 228 -13.95 21.74 0.50
N GLN A 229 -12.80 21.03 0.49
CA GLN A 229 -11.65 21.16 -0.41
C GLN A 229 -11.58 19.98 -1.38
N ILE A 230 -12.23 18.85 -1.02
CA ILE A 230 -12.21 17.60 -1.78
C ILE A 230 -13.49 17.35 -2.57
N ASP A 231 -13.32 16.98 -3.84
CA ASP A 231 -14.38 16.68 -4.80
C ASP A 231 -14.09 15.28 -5.38
N PHE A 232 -15.09 14.65 -6.01
CA PHE A 232 -14.94 13.33 -6.63
C PHE A 232 -15.45 13.37 -8.05
N GLN A 233 -14.67 12.81 -8.98
CA GLN A 233 -15.07 12.61 -10.38
C GLN A 233 -14.83 11.12 -10.63
N GLU A 234 -15.81 10.48 -11.24
CA GLU A 234 -15.73 9.08 -11.62
C GLU A 234 -15.46 9.00 -13.12
N GLY A 235 -14.72 7.96 -13.50
CA GLY A 235 -14.39 7.71 -14.89
C GLY A 235 -13.21 6.79 -15.13
N ASP A 236 -12.77 6.74 -16.38
CA ASP A 236 -11.63 5.95 -16.82
C ASP A 236 -10.51 6.89 -17.29
N PHE A 237 -9.39 6.94 -16.57
CA PHE A 237 -8.31 7.86 -16.98
C PHE A 237 -7.62 7.59 -18.34
N PHE A 238 -7.90 6.42 -18.93
CA PHE A 238 -7.39 6.05 -20.25
C PHE A 238 -8.20 6.60 -21.38
N LYS A 239 -9.44 7.07 -21.14
CA LYS A 239 -10.26 7.57 -22.23
C LYS A 239 -11.21 8.74 -21.92
N ASP A 240 -11.59 8.92 -20.64
CA ASP A 240 -12.51 9.98 -20.25
C ASP A 240 -11.86 11.35 -20.16
N PRO A 241 -12.57 12.50 -20.21
CA PRO A 241 -11.86 13.79 -20.01
C PRO A 241 -11.42 13.87 -18.55
N LEU A 242 -10.18 14.37 -18.32
CA LEU A 242 -9.66 14.46 -16.96
C LEU A 242 -10.17 15.76 -16.34
N PRO A 243 -10.39 15.78 -15.00
CA PRO A 243 -10.78 17.06 -14.34
C PRO A 243 -9.70 18.12 -14.59
N GLU A 244 -10.05 19.42 -14.73
CA GLU A 244 -9.04 20.48 -14.95
C GLU A 244 -8.27 20.62 -13.68
N ALA A 245 -6.94 20.70 -13.79
CA ALA A 245 -6.04 20.75 -12.64
C ALA A 245 -4.69 21.34 -13.04
N ASP A 246 -3.99 21.92 -12.05
CA ASP A 246 -2.68 22.53 -12.23
C ASP A 246 -1.67 21.43 -11.97
N LEU A 247 -2.04 20.48 -11.10
CA LEU A 247 -1.23 19.32 -10.72
C LEU A 247 -2.02 18.02 -10.80
N TYR A 248 -1.47 17.03 -11.51
CA TYR A 248 -2.01 15.67 -11.54
C TYR A 248 -1.11 14.78 -10.69
N ILE A 249 -1.69 14.06 -9.71
CA ILE A 249 -0.94 13.17 -8.79
C ILE A 249 -1.14 11.72 -9.21
N LEU A 250 -0.06 10.97 -9.41
CA LEU A 250 -0.16 9.54 -9.74
C LEU A 250 0.57 8.73 -8.65
N ALA A 251 -0.17 8.35 -7.58
CA ALA A 251 0.41 7.57 -6.45
C ALA A 251 0.03 6.11 -6.65
N ARG A 252 1.06 5.26 -6.84
CA ARG A 252 0.93 3.82 -7.07
C ARG A 252 0.01 3.49 -8.25
N VAL A 253 0.11 4.28 -9.32
CA VAL A 253 -0.69 4.00 -10.49
C VAL A 253 0.27 3.42 -11.52
N LEU A 254 1.36 4.13 -11.84
CA LEU A 254 2.33 3.71 -12.87
C LEU A 254 2.92 2.31 -12.66
N HIS A 255 3.18 1.93 -11.42
CA HIS A 255 3.74 0.60 -11.13
C HIS A 255 2.81 -0.58 -11.51
N ASP A 256 1.49 -0.32 -11.73
CA ASP A 256 0.53 -1.39 -12.06
C ASP A 256 0.59 -1.80 -13.52
N TRP A 257 1.22 -0.96 -14.35
CA TRP A 257 1.21 -1.13 -15.79
C TRP A 257 2.56 -1.16 -16.44
N ALA A 258 2.61 -1.74 -17.64
CA ALA A 258 3.78 -1.81 -18.50
C ALA A 258 4.03 -0.41 -19.15
N ASP A 259 5.23 -0.20 -19.71
CA ASP A 259 5.63 1.07 -20.34
C ASP A 259 4.65 1.71 -21.29
N GLY A 260 4.11 0.93 -22.23
CA GLY A 260 3.16 1.41 -23.25
C GLY A 260 1.89 1.99 -22.69
N LYS A 261 1.26 1.29 -21.71
CA LYS A 261 0.06 1.74 -21.00
C LYS A 261 0.41 3.01 -20.19
N CYS A 262 1.59 3.03 -19.52
CA CYS A 262 2.07 4.22 -18.77
C CYS A 262 2.20 5.38 -19.71
N SER A 263 2.86 5.17 -20.87
CA SER A 263 3.08 6.22 -21.88
C SER A 263 1.79 6.81 -22.37
N HIS A 264 0.76 5.97 -22.61
N HIS A 264 0.77 5.97 -22.61
CA HIS A 264 -0.56 6.42 -23.05
CA HIS A 264 -0.55 6.43 -23.06
C HIS A 264 -1.20 7.39 -22.03
C HIS A 264 -1.22 7.37 -22.05
N LEU A 265 -1.23 6.99 -20.75
CA LEU A 265 -1.81 7.80 -19.67
C LEU A 265 -1.00 9.11 -19.50
N LEU A 266 0.36 9.03 -19.50
CA LEU A 266 1.19 10.19 -19.37
C LEU A 266 0.95 11.21 -20.47
N GLU A 267 0.73 10.73 -21.72
CA GLU A 267 0.45 11.51 -22.91
C GLU A 267 -0.87 12.30 -22.77
N ARG A 268 -1.92 11.63 -22.28
CA ARG A 268 -3.25 12.21 -22.05
C ARG A 268 -3.17 13.34 -21.02
N ILE A 269 -2.42 13.10 -19.90
CA ILE A 269 -2.18 14.07 -18.82
C ILE A 269 -1.41 15.25 -19.37
N TYR A 270 -0.32 15.00 -20.12
CA TYR A 270 0.46 16.07 -20.71
C TYR A 270 -0.41 17.04 -21.56
N HIS A 271 -1.18 16.48 -22.52
CA HIS A 271 -2.06 17.24 -23.39
C HIS A 271 -3.22 17.90 -22.68
N THR A 272 -3.53 17.47 -21.44
CA THR A 272 -4.53 18.09 -20.58
C THR A 272 -3.88 19.27 -19.78
N CYS A 273 -2.56 19.17 -19.46
CA CYS A 273 -1.84 20.21 -18.71
C CYS A 273 -1.70 21.50 -19.51
N LYS A 274 -1.47 22.59 -18.79
CA LYS A 274 -1.23 23.90 -19.34
C LYS A 274 0.18 24.29 -18.91
N PRO A 275 0.81 25.34 -19.53
CA PRO A 275 2.15 25.75 -19.10
C PRO A 275 2.24 25.97 -17.60
N GLY A 276 3.28 25.43 -16.99
CA GLY A 276 3.52 25.50 -15.54
C GLY A 276 2.87 24.36 -14.78
N GLY A 277 2.01 23.59 -15.48
CA GLY A 277 1.33 22.43 -14.94
C GLY A 277 2.31 21.37 -14.47
N GLY A 278 1.90 20.59 -13.48
CA GLY A 278 2.76 19.57 -12.92
C GLY A 278 2.17 18.17 -12.86
N ILE A 279 3.05 17.20 -12.76
CA ILE A 279 2.72 15.79 -12.56
C ILE A 279 3.55 15.30 -11.38
N LEU A 280 2.86 14.84 -10.32
CA LEU A 280 3.49 14.35 -9.11
C LEU A 280 3.32 12.85 -9.09
N VAL A 281 4.42 12.13 -9.31
CA VAL A 281 4.47 10.66 -9.35
C VAL A 281 4.98 10.20 -8.00
N ILE A 282 4.19 9.35 -7.32
CA ILE A 282 4.55 8.84 -6.00
C ILE A 282 4.68 7.35 -6.09
N GLU A 283 5.93 6.87 -6.03
CA GLU A 283 6.28 5.46 -6.15
C GLU A 283 7.54 5.16 -5.30
N SER A 284 7.79 3.87 -5.05
CA SER A 284 8.97 3.40 -4.34
C SER A 284 10.05 3.25 -5.40
N LEU A 285 11.04 4.10 -5.33
CA LEU A 285 12.10 4.16 -6.33
C LEU A 285 13.12 3.06 -6.18
N LEU A 286 13.43 2.40 -7.30
CA LEU A 286 14.46 1.37 -7.33
C LEU A 286 15.82 2.03 -7.46
N ASP A 287 16.87 1.48 -6.80
CA ASP A 287 18.22 2.06 -6.97
C ASP A 287 18.54 1.92 -8.48
N GLU A 288 19.37 2.80 -9.04
CA GLU A 288 19.75 2.72 -10.44
C GLU A 288 20.28 1.36 -10.97
N ASP A 289 20.97 0.58 -10.11
CA ASP A 289 21.47 -0.75 -10.49
C ASP A 289 20.37 -1.85 -10.40
N ARG A 290 19.14 -1.45 -9.98
CA ARG A 290 17.97 -2.31 -9.78
C ARG A 290 18.19 -3.34 -8.67
N ARG A 291 19.31 -3.20 -7.94
CA ARG A 291 19.68 -4.12 -6.89
C ARG A 291 19.35 -3.68 -5.45
N GLY A 292 18.36 -2.82 -5.30
CA GLY A 292 17.91 -2.39 -4.00
C GLY A 292 16.99 -1.20 -4.12
N PRO A 293 16.31 -0.78 -3.04
CA PRO A 293 16.29 -1.43 -1.71
C PRO A 293 15.57 -2.78 -1.82
N LEU A 294 15.88 -3.72 -0.89
CA LEU A 294 15.30 -5.05 -0.89
C LEU A 294 13.77 -5.02 -0.93
N LEU A 295 13.14 -4.20 -0.07
CA LEU A 295 11.69 -4.09 0.01
C LEU A 295 11.11 -3.68 -1.37
N THR A 296 11.78 -2.76 -2.10
CA THR A 296 11.37 -2.28 -3.43
C THR A 296 11.50 -3.38 -4.47
N GLN A 297 12.60 -4.15 -4.41
CA GLN A 297 12.82 -5.30 -5.29
C GLN A 297 11.69 -6.33 -5.06
N LEU A 298 11.30 -6.56 -3.77
CA LEU A 298 10.23 -7.52 -3.46
C LEU A 298 8.92 -7.01 -4.04
N TYR A 299 8.67 -5.72 -3.89
CA TYR A 299 7.53 -5.00 -4.47
C TYR A 299 7.51 -5.08 -6.00
N SER A 300 8.70 -5.05 -6.66
CA SER A 300 8.70 -5.16 -8.13
C SER A 300 8.30 -6.58 -8.55
N LEU A 301 8.74 -7.58 -7.76
CA LEU A 301 8.40 -8.98 -7.96
C LEU A 301 6.93 -9.21 -7.65
N ASN A 302 6.39 -8.53 -6.63
CA ASN A 302 4.97 -8.56 -6.31
C ASN A 302 4.12 -7.97 -7.49
N MET A 303 4.66 -7.03 -8.28
CA MET A 303 3.97 -6.45 -9.43
C MET A 303 3.95 -7.48 -10.57
N LEU A 304 5.02 -8.28 -10.71
CA LEU A 304 5.09 -9.31 -11.72
C LEU A 304 4.05 -10.40 -11.40
N VAL A 305 3.98 -10.82 -10.13
CA VAL A 305 3.05 -11.83 -9.61
C VAL A 305 1.59 -11.36 -9.67
N GLN A 306 1.33 -10.08 -9.42
CA GLN A 306 -0.03 -9.55 -9.34
C GLN A 306 -0.53 -8.63 -10.48
N THR A 307 0.11 -7.49 -10.72
CA THR A 307 -0.28 -6.54 -11.74
C THR A 307 0.33 -6.87 -13.13
N GLU A 308 0.51 -5.82 -13.97
CA GLU A 308 1.10 -5.88 -15.32
C GLU A 308 2.38 -5.06 -15.35
N GLY A 309 2.75 -4.49 -14.19
CA GLY A 309 3.90 -3.62 -14.07
C GLY A 309 5.13 -4.13 -13.36
N GLN A 310 5.86 -3.19 -12.77
CA GLN A 310 7.15 -3.38 -12.12
C GLN A 310 7.42 -2.10 -11.36
N GLU A 311 8.43 -2.15 -10.48
CA GLU A 311 8.92 -0.93 -9.85
C GLU A 311 9.99 -0.38 -10.81
N ARG A 312 10.26 0.93 -10.76
CA ARG A 312 11.23 1.50 -11.71
C ARG A 312 12.24 2.39 -11.04
N THR A 313 13.37 2.62 -11.73
CA THR A 313 14.46 3.53 -11.33
C THR A 313 14.10 4.97 -11.68
N PRO A 314 14.75 5.97 -11.01
CA PRO A 314 14.49 7.38 -11.37
C PRO A 314 14.66 7.69 -12.87
N THR A 315 15.72 7.12 -13.49
CA THR A 315 16.03 7.28 -14.91
C THR A 315 14.87 6.72 -15.78
N HIS A 316 14.30 5.56 -15.37
CA HIS A 316 13.19 4.92 -16.08
C HIS A 316 11.95 5.81 -16.05
N TYR A 317 11.61 6.39 -14.89
CA TYR A 317 10.49 7.34 -14.75
C TYR A 317 10.77 8.59 -15.55
N HIS A 318 12.06 8.99 -15.64
CA HIS A 318 12.50 10.12 -16.44
C HIS A 318 12.28 9.87 -17.93
N MET A 319 12.68 8.68 -18.47
CA MET A 319 12.46 8.26 -19.88
CA MET A 319 12.47 8.40 -19.89
C MET A 319 10.97 8.50 -20.19
N LEU A 320 10.11 7.84 -19.35
CA LEU A 320 8.65 7.85 -19.48
C LEU A 320 8.06 9.25 -19.47
N LEU A 321 8.39 10.06 -18.44
CA LEU A 321 7.88 11.43 -18.34
C LEU A 321 8.43 12.35 -19.42
N SER A 322 9.71 12.19 -19.77
CA SER A 322 10.31 13.01 -20.82
C SER A 322 9.68 12.72 -22.21
N SER A 323 9.33 11.44 -22.51
CA SER A 323 8.75 11.07 -23.80
C SER A 323 7.34 11.60 -23.96
N ALA A 324 6.58 11.68 -22.85
CA ALA A 324 5.22 12.18 -22.80
C ALA A 324 5.21 13.70 -23.02
N GLY A 325 6.36 14.36 -22.84
CA GLY A 325 6.53 15.79 -23.11
C GLY A 325 7.00 16.62 -21.92
N PHE A 326 6.90 16.06 -20.68
CA PHE A 326 7.29 16.77 -19.45
C PHE A 326 8.77 17.11 -19.39
N ARG A 327 9.12 18.18 -18.68
CA ARG A 327 10.48 18.69 -18.52
C ARG A 327 10.69 18.98 -17.04
N ASP A 328 11.87 19.50 -16.65
CA ASP A 328 12.27 19.81 -15.26
C ASP A 328 12.06 18.67 -14.27
N PHE A 329 12.38 17.42 -14.71
CA PHE A 329 12.31 16.20 -13.91
C PHE A 329 13.20 16.34 -12.67
N GLN A 330 12.63 16.02 -11.51
CA GLN A 330 13.26 16.04 -10.18
C GLN A 330 12.60 14.93 -9.38
N PHE A 331 13.37 14.25 -8.55
CA PHE A 331 12.87 13.20 -7.66
C PHE A 331 13.45 13.50 -6.28
N LYS A 332 12.78 13.02 -5.23
CA LYS A 332 13.26 13.22 -3.87
C LYS A 332 13.12 11.89 -3.16
N LYS A 333 14.25 11.35 -2.64
CA LYS A 333 14.25 10.10 -1.88
C LYS A 333 13.94 10.51 -0.44
N THR A 334 12.74 10.12 0.06
CA THR A 334 12.20 10.49 1.38
C THR A 334 12.82 9.76 2.57
N GLY A 335 13.44 8.61 2.32
CA GLY A 335 13.97 7.72 3.34
C GLY A 335 12.85 6.79 3.78
N ALA A 336 11.67 6.89 3.14
CA ALA A 336 10.50 6.06 3.42
C ALA A 336 10.23 5.07 2.28
N ILE A 337 9.17 4.26 2.37
CA ILE A 337 8.91 3.33 1.28
C ILE A 337 8.63 4.14 -0.02
N TYR A 338 7.76 5.15 0.08
CA TYR A 338 7.37 5.96 -1.07
C TYR A 338 8.14 7.26 -1.24
N ASP A 339 8.60 7.47 -2.48
CA ASP A 339 9.34 8.66 -2.87
C ASP A 339 8.47 9.54 -3.74
N ALA A 340 8.97 10.72 -4.10
CA ALA A 340 8.20 11.65 -4.94
C ALA A 340 8.99 12.09 -6.14
N ILE A 341 8.33 12.15 -7.30
CA ILE A 341 8.85 12.67 -8.57
C ILE A 341 7.92 13.79 -9.00
N LEU A 342 8.50 14.94 -9.40
CA LEU A 342 7.77 16.06 -9.98
C LEU A 342 8.40 16.49 -11.30
N ALA A 343 7.57 16.59 -12.34
CA ALA A 343 7.95 17.10 -13.67
C ALA A 343 6.91 18.16 -14.10
N ARG A 344 7.29 19.03 -15.03
CA ARG A 344 6.42 20.11 -15.42
C ARG A 344 6.18 20.17 -16.90
N LYS A 345 5.16 20.93 -17.32
CA LYS A 345 4.87 21.21 -18.72
C LYS A 345 5.38 22.64 -19.03
N GLY A 346 6.19 22.77 -20.08
CA GLY A 346 6.73 24.06 -20.55
C GLY A 346 6.02 24.52 -21.81
N THR A 347 6.61 25.47 -22.57
CA THR A 347 6.05 25.99 -23.84
C THR A 347 6.98 25.68 -25.01
#